data_5YNF
#
_entry.id   5YNF
#
_cell.length_a   66.658
_cell.length_b   70.492
_cell.length_c   118.197
_cell.angle_alpha   90.00
_cell.angle_beta   90.00
_cell.angle_gamma   90.00
#
_symmetry.space_group_name_H-M   'P 21 2 21'
#
loop_
_entity.id
_entity.type
_entity.pdbx_description
1 polymer 'nsp16 protein'
2 polymer 'nsp10 protein'
3 non-polymer "P1-7-METHYLGUANOSINE-P3-ADENOSINE-5',5'-TRIPHOSPHATE"
4 non-polymer 'ZINC ION'
5 water water
#
loop_
_entity_poly.entity_id
_entity_poly.type
_entity_poly.pdbx_seq_one_letter_code
_entity_poly.pdbx_strand_id
1 'polypeptide(L)'
;ASADWKPGHAMPSLFKVQNVNLERCELANYKQSIPMPRGVHMNIAKYMQLCQYLNTCTLAVPANMRVIHFGAGSDKGIAP
GTSVLRQWLPTDAIIIDNDLNEFVSDADITLFGDCVTVRVGQQVDLVISDMYDPTTKNVTGSNESKALFFTYLCNLINNN
LALGGSVAIKITEHSWSVELYELMGKFAWWTVFCTNANASSSEGFLLGINYLGTIKENIDGGAMHANYIFWRNSTPMNLS
TYSLFDLSKFQLKLKGTPVLQLKESQINELVISLLSQGKLLIRDNDTLSVSTDVLVNTYRKLR
;
A
2 'polypeptide(L)'
;AGSNTEFASNSSVLSLVNFTVDPQKAYLDFVNAGGAPLTNCVKMLTPKTGTGIAISVKPESTADQETYGGASVCLYCRAH
IEHPDVSGVCKYKGKFVQIPAQCVRDPVGFCLSNTPCNVCQYWIGYGCNCDSLRQAALPQ
;
B
#
loop_
_chem_comp.id
_chem_comp.type
_chem_comp.name
_chem_comp.formula
GTA non-polymer P1-7-METHYLGUANOSINE-P3-ADENOSINE-5',5'-TRIPHOSPHATE 'C21 H30 N10 O17 P3 1'
ZN non-polymer 'ZINC ION' 'Zn 2'
#
# COMPACT_ATOMS: atom_id res chain seq x y z
N ALA A 1 24.49 -1.61 14.08
CA ALA A 1 24.82 -1.31 12.70
C ALA A 1 23.63 -0.69 11.93
N SER A 2 23.96 0.28 11.05
CA SER A 2 22.99 1.20 10.48
C SER A 2 22.08 0.54 9.48
N ALA A 3 22.62 -0.40 8.72
CA ALA A 3 21.81 -1.11 7.73
C ALA A 3 20.48 -1.57 8.33
N ASP A 4 20.53 -2.16 9.53
CA ASP A 4 19.33 -2.73 10.15
C ASP A 4 18.26 -1.67 10.43
N TRP A 5 18.66 -0.44 10.71
CA TRP A 5 17.73 0.64 11.00
C TRP A 5 17.17 1.33 9.76
N LYS A 6 17.76 1.10 8.59
CA LYS A 6 17.18 1.55 7.36
C LYS A 6 15.93 0.73 7.04
N PRO A 7 14.98 1.31 6.31
CA PRO A 7 13.78 0.53 5.89
C PRO A 7 14.10 -0.57 4.90
N GLY A 8 15.26 -0.50 4.24
CA GLY A 8 15.60 -1.52 3.26
C GLY A 8 16.79 -1.06 2.45
N HIS A 9 16.97 -1.68 1.28
CA HIS A 9 18.17 -1.46 0.46
C HIS A 9 17.71 -1.02 -0.92
N ALA A 10 18.40 -0.06 -1.49
CA ALA A 10 18.10 0.41 -2.85
C ALA A 10 19.25 0.06 -3.79
N MET A 11 18.90 -0.41 -4.98
CA MET A 11 19.91 -0.82 -5.96
C MET A 11 20.82 0.37 -6.31
N PRO A 12 22.13 0.25 -6.14
CA PRO A 12 23.01 1.39 -6.34
C PRO A 12 23.49 1.45 -7.78
N SER A 13 24.00 2.60 -8.14
CA SER A 13 24.46 2.72 -9.51
C SER A 13 25.65 1.80 -9.78
N LEU A 14 26.40 1.39 -8.72
CA LEU A 14 27.43 0.37 -8.88
C LEU A 14 26.91 -0.82 -9.68
N PHE A 15 25.70 -1.29 -9.37
CA PHE A 15 25.22 -2.46 -10.10
C PHE A 15 24.43 -2.09 -11.36
N LYS A 16 23.82 -0.91 -11.41
CA LYS A 16 23.13 -0.49 -12.62
C LYS A 16 24.05 -0.48 -13.84
N VAL A 17 25.34 -0.20 -13.65
CA VAL A 17 26.26 -0.08 -14.79
C VAL A 17 26.96 -1.38 -15.15
N GLN A 18 26.66 -2.50 -14.48
CA GLN A 18 27.33 -3.75 -14.80
C GLN A 18 26.81 -4.32 -16.11
N ASN A 19 27.49 -5.36 -16.56
CA ASN A 19 27.15 -5.99 -17.85
C ASN A 19 27.38 -7.48 -17.66
N VAL A 20 26.31 -8.18 -17.31
CA VAL A 20 26.45 -9.57 -16.89
C VAL A 20 25.30 -10.36 -17.50
N ASN A 21 25.48 -11.66 -17.54
CA ASN A 21 24.41 -12.56 -17.92
C ASN A 21 23.41 -12.68 -16.79
N LEU A 22 22.16 -13.00 -17.15
CA LEU A 22 21.14 -13.28 -16.14
C LEU A 22 21.42 -14.64 -15.50
N GLU A 23 21.56 -14.66 -14.18
CA GLU A 23 21.88 -15.85 -13.41
C GLU A 23 20.71 -16.17 -12.47
N ARG A 24 20.70 -17.39 -11.94
CA ARG A 24 19.75 -17.73 -10.89
C ARG A 24 20.01 -16.85 -9.67
N CYS A 25 18.93 -16.39 -9.04
CA CYS A 25 19.02 -15.65 -7.79
C CYS A 25 19.12 -16.65 -6.63
N GLU A 26 20.20 -16.54 -5.84
CA GLU A 26 20.46 -17.46 -4.73
C GLU A 26 20.69 -16.64 -3.45
N LEU A 27 19.67 -16.53 -2.60
CA LEU A 27 19.76 -15.73 -1.40
C LEU A 27 20.12 -16.65 -0.24
N ALA A 28 21.17 -16.27 0.52
CA ALA A 28 21.64 -17.13 1.60
C ALA A 28 20.57 -17.32 2.67
N ASN A 29 19.64 -16.38 2.84
CA ASN A 29 18.56 -16.54 3.82
C ASN A 29 17.20 -16.81 3.15
N TYR A 30 17.21 -17.32 1.91
CA TYR A 30 15.98 -17.49 1.12
C TYR A 30 14.87 -18.11 1.95
N LYS A 31 13.72 -17.43 1.94
CA LYS A 31 12.48 -17.80 2.59
C LYS A 31 12.54 -17.78 4.11
N GLN A 32 13.68 -17.41 4.72
CA GLN A 32 13.66 -17.16 6.16
C GLN A 32 12.61 -16.10 6.46
N SER A 33 11.99 -16.21 7.62
CA SER A 33 10.87 -15.34 7.98
C SER A 33 11.24 -14.62 9.26
N ILE A 34 10.67 -13.43 9.46
CA ILE A 34 10.89 -12.68 10.67
C ILE A 34 9.54 -12.45 11.34
N PRO A 35 9.37 -12.70 12.62
CA PRO A 35 8.06 -12.49 13.23
C PRO A 35 7.69 -11.02 13.20
N MET A 36 6.39 -10.75 13.13
CA MET A 36 6.03 -9.36 12.88
C MET A 36 5.85 -8.59 14.19
N PRO A 37 6.28 -7.32 14.21
CA PRO A 37 6.10 -6.53 15.44
C PRO A 37 4.62 -6.43 15.78
N ARG A 38 4.29 -6.80 17.02
CA ARG A 38 2.91 -6.75 17.52
C ARG A 38 1.97 -7.68 16.74
N GLY A 39 2.54 -8.59 15.94
CA GLY A 39 1.76 -9.49 15.11
C GLY A 39 0.86 -8.79 14.13
N VAL A 40 1.31 -7.67 13.57
CA VAL A 40 0.55 -7.06 12.51
C VAL A 40 0.80 -7.94 11.30
N HIS A 41 0.00 -7.78 10.25
CA HIS A 41 0.24 -8.49 9.00
C HIS A 41 1.64 -8.15 8.49
N MET A 42 2.30 -9.12 7.85
CA MET A 42 3.61 -8.84 7.22
C MET A 42 3.50 -7.65 6.27
N ASN A 43 2.39 -7.55 5.53
CA ASN A 43 2.25 -6.44 4.60
C ASN A 43 2.20 -5.08 5.28
N ILE A 44 1.81 -5.00 6.55
CA ILE A 44 1.98 -3.74 7.28
C ILE A 44 3.44 -3.33 7.28
N ALA A 45 4.32 -4.26 7.66
CA ALA A 45 5.73 -3.86 7.74
C ALA A 45 6.27 -3.55 6.36
N LYS A 46 5.88 -4.36 5.38
CA LYS A 46 6.45 -4.21 4.03
C LYS A 46 6.04 -2.86 3.43
N TYR A 47 4.75 -2.53 3.47
CA TYR A 47 4.31 -1.24 2.94
C TYR A 47 4.91 -0.07 3.73
N MET A 48 4.95 -0.18 5.06
CA MET A 48 5.52 0.93 5.81
C MET A 48 6.95 1.18 5.38
N GLN A 49 7.75 0.12 5.17
CA GLN A 49 9.15 0.34 4.79
C GLN A 49 9.26 0.93 3.38
N LEU A 50 8.42 0.45 2.44
CA LEU A 50 8.34 1.11 1.12
C LEU A 50 8.03 2.61 1.26
N CYS A 51 7.00 2.96 2.05
CA CYS A 51 6.67 4.35 2.31
C CYS A 51 7.85 5.11 2.92
N GLN A 52 8.56 4.49 3.89
CA GLN A 52 9.68 5.18 4.50
C GLN A 52 10.77 5.49 3.48
N TYR A 53 11.01 4.56 2.56
CA TYR A 53 12.00 4.85 1.51
C TYR A 53 11.50 5.97 0.60
N LEU A 54 10.23 5.95 0.24
CA LEU A 54 9.67 6.98 -0.62
C LEU A 54 9.67 8.34 0.06
N ASN A 55 9.61 8.37 1.40
CA ASN A 55 9.82 9.62 2.09
C ASN A 55 11.18 10.26 1.78
N THR A 56 12.17 9.46 1.40
CA THR A 56 13.51 10.01 1.06
C THR A 56 13.61 10.38 -0.41
N CYS A 57 12.53 10.15 -1.20
CA CYS A 57 12.57 10.39 -2.65
C CYS A 57 11.86 11.70 -2.92
N THR A 58 12.05 12.25 -4.15
CA THR A 58 11.46 13.55 -4.48
C THR A 58 10.04 13.37 -4.97
N LEU A 59 9.19 12.66 -4.19
CA LEU A 59 7.80 12.51 -4.63
C LEU A 59 7.08 13.84 -4.73
N ALA A 60 6.22 13.96 -5.76
CA ALA A 60 5.25 15.05 -5.85
C ALA A 60 4.05 14.71 -4.96
N VAL A 61 3.67 15.66 -4.08
CA VAL A 61 2.63 15.42 -3.07
C VAL A 61 1.64 16.59 -3.15
N PRO A 62 0.74 16.57 -4.10
CA PRO A 62 -0.20 17.69 -4.30
C PRO A 62 -1.42 17.56 -3.37
N ALA A 63 -2.22 18.61 -3.34
CA ALA A 63 -3.58 18.46 -2.79
C ALA A 63 -4.36 17.47 -3.66
N ASN A 64 -5.35 16.79 -3.04
CA ASN A 64 -6.18 15.83 -3.77
C ASN A 64 -5.33 14.80 -4.55
N MET A 65 -4.26 14.33 -3.93
CA MET A 65 -3.30 13.46 -4.61
C MET A 65 -3.97 12.16 -5.09
N ARG A 66 -3.65 11.76 -6.34
CA ARG A 66 -4.32 10.62 -6.97
C ARG A 66 -3.44 9.39 -6.93
N VAL A 67 -3.87 8.40 -6.16
CA VAL A 67 -3.07 7.20 -5.93
C VAL A 67 -3.86 5.98 -6.37
N ILE A 68 -3.27 5.15 -7.23
CA ILE A 68 -3.91 3.89 -7.59
C ILE A 68 -3.04 2.74 -7.08
N HIS A 69 -3.69 1.76 -6.48
CA HIS A 69 -3.03 0.66 -5.77
C HIS A 69 -3.54 -0.67 -6.32
N PHE A 70 -2.67 -1.37 -7.07
CA PHE A 70 -3.04 -2.63 -7.71
C PHE A 70 -2.49 -3.80 -6.91
N GLY A 71 -3.21 -4.93 -6.95
CA GLY A 71 -2.80 -6.05 -6.12
C GLY A 71 -3.06 -5.81 -4.65
N ALA A 72 -4.14 -5.08 -4.31
CA ALA A 72 -4.31 -4.56 -2.96
C ALA A 72 -4.95 -5.56 -2.00
N GLY A 73 -5.48 -6.68 -2.50
CA GLY A 73 -6.05 -7.70 -1.63
C GLY A 73 -4.96 -8.62 -1.10
N SER A 74 -5.11 -9.10 0.12
CA SER A 74 -4.10 -9.98 0.69
C SER A 74 -4.67 -10.54 1.96
N ASP A 75 -4.03 -11.59 2.49
CA ASP A 75 -4.38 -12.12 3.81
C ASP A 75 -5.86 -12.52 3.86
N LYS A 76 -6.34 -13.12 2.76
CA LYS A 76 -7.70 -13.63 2.66
C LYS A 76 -8.73 -12.53 2.96
N GLY A 77 -8.81 -11.56 2.06
CA GLY A 77 -9.96 -10.67 2.02
C GLY A 77 -9.84 -9.29 2.61
N ILE A 78 -8.64 -8.85 3.00
CA ILE A 78 -8.45 -7.52 3.59
C ILE A 78 -7.34 -6.82 2.80
N ALA A 79 -6.99 -5.61 3.20
CA ALA A 79 -6.02 -4.80 2.42
C ALA A 79 -5.13 -4.01 3.36
N PRO A 80 -4.24 -4.69 4.09
CA PRO A 80 -3.40 -3.97 5.04
C PRO A 80 -2.52 -2.95 4.34
N GLY A 81 -2.02 -3.21 3.12
CA GLY A 81 -1.20 -2.19 2.44
C GLY A 81 -1.97 -0.92 2.13
N THR A 82 -3.26 -1.04 1.78
CA THR A 82 -4.07 0.15 1.57
C THR A 82 -4.21 0.97 2.85
N SER A 83 -4.38 0.30 3.99
CA SER A 83 -4.52 1.05 5.23
C SER A 83 -3.21 1.75 5.56
N VAL A 84 -2.09 1.10 5.27
CA VAL A 84 -0.81 1.78 5.47
C VAL A 84 -0.76 3.01 4.57
N LEU A 85 -1.19 2.87 3.29
CA LEU A 85 -1.20 4.05 2.43
C LEU A 85 -2.08 5.15 3.03
N ARG A 86 -3.25 4.78 3.57
CA ARG A 86 -4.09 5.78 4.23
C ARG A 86 -3.38 6.41 5.43
N GLN A 87 -2.58 5.65 6.16
CA GLN A 87 -1.85 6.23 7.28
C GLN A 87 -0.73 7.17 6.79
N TRP A 88 -0.17 6.88 5.63
CA TRP A 88 1.00 7.58 5.12
C TRP A 88 0.64 8.88 4.41
N LEU A 89 -0.36 8.80 3.55
CA LEU A 89 -0.70 9.84 2.59
C LEU A 89 -1.41 11.01 3.25
N PRO A 90 -1.46 12.16 2.57
CA PRO A 90 -2.28 13.27 3.06
C PRO A 90 -3.74 12.84 3.23
N THR A 91 -4.43 13.49 4.18
CA THR A 91 -5.81 13.10 4.43
C THR A 91 -6.72 13.36 3.23
N ASP A 92 -6.38 14.34 2.36
CA ASP A 92 -7.20 14.56 1.18
C ASP A 92 -6.77 13.74 -0.04
N ALA A 93 -5.81 12.82 0.11
CA ALA A 93 -5.44 11.97 -1.01
C ALA A 93 -6.58 11.04 -1.39
N ILE A 94 -6.67 10.72 -2.67
CA ILE A 94 -7.69 9.79 -3.18
C ILE A 94 -6.99 8.46 -3.45
N ILE A 95 -7.45 7.40 -2.81
CA ILE A 95 -6.87 6.08 -3.04
C ILE A 95 -7.87 5.22 -3.79
N ILE A 96 -7.47 4.73 -4.96
CA ILE A 96 -8.22 3.73 -5.71
C ILE A 96 -7.49 2.40 -5.60
N ASP A 97 -8.18 1.34 -5.16
CA ASP A 97 -7.45 0.09 -5.18
C ASP A 97 -8.20 -1.00 -5.94
N ASN A 98 -7.48 -2.08 -6.19
CA ASN A 98 -7.96 -3.08 -7.13
C ASN A 98 -7.28 -4.42 -6.84
N ASP A 99 -8.02 -5.50 -7.00
CA ASP A 99 -7.42 -6.83 -7.07
C ASP A 99 -8.43 -7.75 -7.72
N LEU A 100 -7.99 -8.98 -7.97
CA LEU A 100 -8.82 -9.94 -8.71
C LEU A 100 -10.06 -10.36 -7.93
N ASN A 101 -9.91 -10.64 -6.64
CA ASN A 101 -11.03 -11.17 -5.88
C ASN A 101 -11.52 -10.16 -4.85
N GLU A 102 -12.68 -10.46 -4.29
CA GLU A 102 -13.33 -9.53 -3.38
C GLU A 102 -12.47 -9.29 -2.14
N PHE A 103 -12.45 -8.05 -1.66
CA PHE A 103 -11.75 -7.77 -0.42
C PHE A 103 -12.35 -6.50 0.14
N VAL A 104 -12.02 -6.25 1.41
CA VAL A 104 -12.50 -5.11 2.17
C VAL A 104 -11.33 -4.16 2.38
N SER A 105 -11.58 -2.86 2.18
CA SER A 105 -10.44 -1.95 2.14
C SER A 105 -10.85 -0.56 2.62
N ASP A 106 -9.86 0.20 3.09
CA ASP A 106 -10.01 1.62 3.43
C ASP A 106 -9.77 2.57 2.25
N ALA A 107 -9.71 2.06 1.02
CA ALA A 107 -9.59 2.97 -0.11
C ALA A 107 -10.86 3.81 -0.28
N ASP A 108 -10.73 4.90 -1.05
CA ASP A 108 -11.93 5.67 -1.46
C ASP A 108 -12.78 4.91 -2.48
N ILE A 109 -12.12 4.17 -3.36
CA ILE A 109 -12.76 3.42 -4.44
C ILE A 109 -12.08 2.07 -4.52
N THR A 110 -12.87 1.00 -4.49
CA THR A 110 -12.31 -0.34 -4.60
C THR A 110 -12.96 -1.06 -5.76
N LEU A 111 -12.14 -1.56 -6.68
CA LEU A 111 -12.61 -2.22 -7.89
C LEU A 111 -12.13 -3.66 -7.94
N PHE A 112 -13.03 -4.59 -8.23
CA PHE A 112 -12.64 -5.99 -8.31
C PHE A 112 -12.50 -6.46 -9.75
N GLY A 113 -11.58 -7.37 -9.98
CA GLY A 113 -11.35 -7.95 -11.30
C GLY A 113 -9.91 -7.75 -11.75
N ASP A 114 -9.63 -8.29 -12.94
CA ASP A 114 -8.36 -8.08 -13.60
C ASP A 114 -8.00 -6.60 -13.65
N CYS A 115 -6.70 -6.29 -13.51
CA CYS A 115 -6.31 -4.87 -13.57
C CYS A 115 -6.71 -4.27 -14.90
N VAL A 116 -6.80 -5.08 -15.96
CA VAL A 116 -7.23 -4.54 -17.27
C VAL A 116 -8.64 -3.97 -17.22
N THR A 117 -9.46 -4.38 -16.25
CA THR A 117 -10.80 -3.81 -16.20
C THR A 117 -10.81 -2.44 -15.54
N VAL A 118 -9.66 -1.97 -15.05
CA VAL A 118 -9.59 -0.69 -14.36
C VAL A 118 -9.32 0.42 -15.36
N ARG A 119 -10.34 1.24 -15.62
CA ARG A 119 -10.27 2.32 -16.61
C ARG A 119 -9.96 3.62 -15.90
N VAL A 120 -8.74 4.11 -16.10
CA VAL A 120 -8.31 5.39 -15.54
C VAL A 120 -8.63 6.44 -16.61
N GLY A 121 -9.64 7.27 -16.37
CA GLY A 121 -9.99 8.29 -17.35
C GLY A 121 -9.05 9.47 -17.36
N GLN A 122 -8.39 9.74 -16.22
CA GLN A 122 -7.51 10.89 -16.15
C GLN A 122 -6.07 10.43 -15.90
N GLN A 123 -5.18 11.34 -15.49
CA GLN A 123 -3.84 10.93 -15.08
C GLN A 123 -3.74 10.92 -13.56
N VAL A 124 -2.96 9.99 -13.02
CA VAL A 124 -2.77 9.87 -11.57
C VAL A 124 -1.36 10.29 -11.21
N ASP A 125 -1.10 10.40 -9.89
CA ASP A 125 0.16 10.93 -9.37
C ASP A 125 1.10 9.87 -8.84
N LEU A 126 0.57 8.72 -8.44
CA LEU A 126 1.36 7.67 -7.80
C LEU A 126 0.66 6.35 -8.09
N VAL A 127 1.42 5.39 -8.61
CA VAL A 127 0.94 4.02 -8.86
C VAL A 127 1.73 3.09 -7.96
N ILE A 128 1.03 2.30 -7.13
CA ILE A 128 1.66 1.24 -6.35
C ILE A 128 1.12 -0.08 -6.90
N SER A 129 2.00 -1.02 -7.23
CA SER A 129 1.53 -2.34 -7.64
C SER A 129 2.19 -3.41 -6.80
N ASP A 130 1.38 -4.27 -6.18
CA ASP A 130 1.84 -5.49 -5.53
C ASP A 130 1.39 -6.72 -6.29
N MET A 131 1.09 -6.56 -7.57
CA MET A 131 0.61 -7.69 -8.36
C MET A 131 1.69 -8.73 -8.57
N TYR A 132 1.26 -9.98 -8.62
CA TYR A 132 2.12 -11.14 -8.87
C TYR A 132 1.19 -12.25 -9.35
N ASP A 133 1.54 -12.86 -10.48
CA ASP A 133 0.67 -13.92 -11.06
C ASP A 133 1.16 -15.27 -10.54
N PRO A 134 0.29 -16.09 -9.91
CA PRO A 134 0.73 -17.40 -9.38
C PRO A 134 1.43 -18.29 -10.39
N THR A 135 1.08 -18.20 -11.68
CA THR A 135 1.71 -19.07 -12.64
C THR A 135 3.20 -18.80 -12.76
N THR A 136 3.64 -17.63 -12.27
CA THR A 136 5.07 -17.35 -12.26
C THR A 136 5.85 -18.37 -11.43
N LYS A 137 5.21 -19.03 -10.45
CA LYS A 137 5.89 -20.05 -9.68
C LYS A 137 6.22 -21.31 -10.48
N ASN A 138 5.59 -21.52 -11.64
CA ASN A 138 5.83 -22.71 -12.46
C ASN A 138 7.06 -22.45 -13.31
N VAL A 139 8.22 -22.63 -12.70
CA VAL A 139 9.48 -22.32 -13.37
C VAL A 139 9.87 -23.52 -14.22
N THR A 140 9.87 -23.33 -15.53
CA THR A 140 10.27 -24.37 -16.48
C THR A 140 11.51 -23.91 -17.22
N GLY A 141 11.33 -23.27 -18.37
CA GLY A 141 12.47 -22.93 -19.17
C GLY A 141 13.31 -21.81 -18.59
N SER A 142 14.02 -21.13 -19.47
CA SER A 142 14.81 -20.02 -19.01
C SER A 142 13.90 -18.90 -18.51
N ASN A 143 14.51 -17.98 -17.80
CA ASN A 143 13.75 -16.92 -17.13
C ASN A 143 13.61 -15.76 -18.11
N GLU A 144 12.49 -15.70 -18.82
CA GLU A 144 12.27 -14.71 -19.85
C GLU A 144 11.40 -13.56 -19.34
N SER A 145 11.50 -12.41 -20.02
CA SER A 145 10.65 -11.27 -19.70
C SER A 145 9.19 -11.68 -19.73
N LYS A 146 8.41 -11.18 -18.78
CA LYS A 146 7.01 -11.58 -18.68
C LYS A 146 6.12 -10.46 -19.23
N ALA A 147 4.97 -10.88 -19.76
CA ALA A 147 3.93 -9.94 -20.19
C ALA A 147 2.93 -9.78 -19.06
N LEU A 148 1.97 -10.71 -18.92
CA LEU A 148 1.08 -10.71 -17.77
C LEU A 148 0.46 -9.32 -17.58
N PHE A 149 0.43 -8.80 -16.34
CA PHE A 149 -0.13 -7.48 -16.03
C PHE A 149 0.86 -6.34 -16.33
N PHE A 150 2.10 -6.67 -16.74
CA PHE A 150 3.06 -5.59 -17.01
C PHE A 150 2.66 -4.83 -18.26
N THR A 151 1.99 -5.48 -19.21
CA THR A 151 1.60 -4.77 -20.43
C THR A 151 0.70 -3.60 -20.07
N TYR A 152 -0.30 -3.90 -19.23
CA TYR A 152 -1.21 -2.89 -18.68
C TYR A 152 -0.47 -1.80 -17.96
N LEU A 153 0.51 -2.16 -17.11
CA LEU A 153 1.20 -1.13 -16.32
C LEU A 153 2.05 -0.24 -17.23
N CYS A 154 2.70 -0.83 -18.23
CA CYS A 154 3.51 -0.03 -19.17
C CYS A 154 2.62 0.99 -19.89
N ASN A 155 1.49 0.54 -20.37
CA ASN A 155 0.59 1.45 -21.06
C ASN A 155 0.10 2.55 -20.12
N LEU A 156 -0.20 2.19 -18.87
CA LEU A 156 -0.62 3.21 -17.90
C LEU A 156 0.47 4.27 -17.70
N ILE A 157 1.72 3.84 -17.58
CA ILE A 157 2.80 4.84 -17.45
C ILE A 157 2.82 5.77 -18.66
N ASN A 158 2.67 5.21 -19.86
CA ASN A 158 2.77 6.02 -21.06
C ASN A 158 1.54 6.94 -21.24
N ASN A 159 0.41 6.64 -20.62
CA ASN A 159 -0.78 7.43 -20.94
C ASN A 159 -1.49 8.08 -19.75
N ASN A 160 -1.43 7.45 -18.58
CA ASN A 160 -2.28 7.82 -17.46
C ASN A 160 -1.53 8.24 -16.22
N LEU A 161 -0.27 8.65 -16.38
CA LEU A 161 0.59 9.07 -15.30
C LEU A 161 0.98 10.51 -15.53
N ALA A 162 0.73 11.35 -14.53
CA ALA A 162 1.15 12.75 -14.63
C ALA A 162 2.64 12.88 -14.82
N LEU A 163 3.06 13.87 -15.63
CA LEU A 163 4.46 14.23 -15.57
C LEU A 163 4.77 14.68 -14.15
N GLY A 164 5.88 14.19 -13.60
CA GLY A 164 6.16 14.38 -12.19
C GLY A 164 5.65 13.26 -11.30
N GLY A 165 4.77 12.40 -11.83
CA GLY A 165 4.27 11.29 -11.03
C GLY A 165 5.29 10.18 -10.89
N SER A 166 5.00 9.26 -9.97
CA SER A 166 5.94 8.20 -9.65
C SER A 166 5.23 6.84 -9.57
N VAL A 167 6.03 5.78 -9.60
CA VAL A 167 5.49 4.40 -9.60
C VAL A 167 6.38 3.54 -8.72
N ALA A 168 5.74 2.58 -8.04
CA ALA A 168 6.43 1.56 -7.26
C ALA A 168 5.76 0.24 -7.61
N ILE A 169 6.48 -0.61 -8.35
CA ILE A 169 5.90 -1.80 -8.96
C ILE A 169 6.67 -3.04 -8.52
N LYS A 170 5.98 -3.96 -7.86
CA LYS A 170 6.68 -5.16 -7.35
C LYS A 170 7.14 -6.04 -8.51
N ILE A 171 8.39 -6.46 -8.43
CA ILE A 171 8.98 -7.46 -9.31
C ILE A 171 9.64 -8.51 -8.43
N THR A 172 9.99 -9.64 -9.03
CA THR A 172 10.76 -10.69 -8.36
C THR A 172 11.76 -11.24 -9.36
N GLU A 173 12.48 -12.29 -8.95
CA GLU A 173 13.43 -12.88 -9.89
C GLU A 173 12.74 -13.25 -11.19
N HIS A 174 11.59 -13.92 -11.09
CA HIS A 174 10.89 -14.41 -12.27
C HIS A 174 9.70 -13.55 -12.68
N SER A 175 9.23 -12.63 -11.83
CA SER A 175 8.15 -11.74 -12.21
C SER A 175 8.74 -10.37 -12.59
N TRP A 176 8.96 -10.15 -13.89
CA TRP A 176 9.64 -8.94 -14.31
C TRP A 176 9.38 -8.75 -15.79
N SER A 177 9.72 -7.55 -16.28
CA SER A 177 9.36 -7.11 -17.63
C SER A 177 10.49 -6.27 -18.21
N VAL A 178 10.97 -6.62 -19.40
CA VAL A 178 11.95 -5.80 -20.08
C VAL A 178 11.39 -4.41 -20.29
N GLU A 179 10.15 -4.33 -20.76
CA GLU A 179 9.59 -3.05 -21.16
C GLU A 179 9.45 -2.13 -19.96
N LEU A 180 9.09 -2.68 -18.79
CA LEU A 180 8.96 -1.85 -17.60
C LEU A 180 10.32 -1.28 -17.15
N TYR A 181 11.40 -2.09 -17.16
CA TYR A 181 12.71 -1.53 -16.86
C TYR A 181 13.04 -0.37 -17.81
N GLU A 182 12.77 -0.55 -19.11
CA GLU A 182 13.13 0.47 -20.11
C GLU A 182 12.33 1.76 -19.88
N LEU A 183 11.08 1.66 -19.42
CA LEU A 183 10.31 2.86 -19.06
C LEU A 183 10.90 3.61 -17.89
N MET A 184 11.67 2.94 -17.03
CA MET A 184 12.31 3.67 -15.94
C MET A 184 13.22 4.76 -16.50
N GLY A 185 13.66 4.62 -17.75
CA GLY A 185 14.51 5.64 -18.38
C GLY A 185 13.78 6.93 -18.74
N LYS A 186 12.45 6.93 -18.60
CA LYS A 186 11.68 8.14 -18.83
C LYS A 186 11.33 8.85 -17.53
N PHE A 187 11.93 8.45 -16.41
CA PHE A 187 11.78 9.15 -15.14
C PHE A 187 13.05 9.91 -14.81
N ALA A 188 12.93 10.89 -13.90
CA ALA A 188 14.11 11.63 -13.44
C ALA A 188 15.13 10.71 -12.77
N TRP A 189 14.64 9.66 -12.09
CA TRP A 189 15.52 8.74 -11.36
C TRP A 189 14.73 7.45 -11.16
N TRP A 190 15.45 6.35 -10.90
CA TRP A 190 14.76 5.07 -10.71
C TRP A 190 15.67 4.20 -9.85
N THR A 191 15.09 3.18 -9.21
CA THR A 191 15.90 2.19 -8.51
C THR A 191 15.05 0.94 -8.33
N VAL A 192 15.59 -0.07 -7.66
CA VAL A 192 14.76 -1.14 -7.07
C VAL A 192 14.99 -1.09 -5.57
N PHE A 193 13.91 -1.10 -4.81
CA PHE A 193 13.97 -1.03 -3.36
C PHE A 193 13.47 -2.34 -2.77
N CYS A 194 14.28 -2.93 -1.88
CA CYS A 194 13.95 -4.20 -1.26
C CYS A 194 13.76 -3.92 0.22
N THR A 195 12.60 -4.27 0.76
CA THR A 195 12.35 -3.98 2.18
C THR A 195 13.22 -4.90 3.05
N ASN A 196 13.59 -4.38 4.22
CA ASN A 196 14.24 -5.26 5.19
C ASN A 196 13.30 -6.30 5.79
N ALA A 197 12.00 -6.00 5.86
CA ALA A 197 11.04 -6.96 6.40
C ALA A 197 10.95 -8.21 5.55
N ASN A 198 11.23 -8.08 4.26
CA ASN A 198 11.14 -9.20 3.34
C ASN A 198 12.43 -9.36 2.58
N ALA A 199 13.56 -9.11 3.27
CA ALA A 199 14.87 -9.14 2.64
C ALA A 199 15.22 -10.53 2.11
N SER A 200 14.55 -11.56 2.60
CA SER A 200 14.87 -12.93 2.23
C SER A 200 14.14 -13.36 0.96
N SER A 201 13.42 -12.44 0.34
CA SER A 201 12.74 -12.70 -0.94
C SER A 201 13.47 -11.97 -2.07
N SER A 202 13.44 -12.53 -3.29
CA SER A 202 13.96 -11.73 -4.42
C SER A 202 13.04 -10.60 -4.81
N GLU A 203 11.90 -10.46 -4.15
CA GLU A 203 11.04 -9.31 -4.30
C GLU A 203 11.82 -7.98 -4.22
N GLY A 204 11.42 -7.04 -5.09
CA GLY A 204 11.85 -5.65 -5.01
C GLY A 204 10.75 -4.78 -5.60
N PHE A 205 10.71 -3.51 -5.18
CA PHE A 205 9.78 -2.55 -5.78
C PHE A 205 10.56 -1.72 -6.76
N LEU A 206 10.24 -1.89 -8.06
CA LEU A 206 10.87 -1.10 -9.10
C LEU A 206 10.27 0.31 -9.01
N LEU A 207 11.11 1.30 -8.73
CA LEU A 207 10.67 2.65 -8.46
C LEU A 207 11.00 3.53 -9.67
N GLY A 208 10.00 4.17 -10.21
CA GLY A 208 10.20 5.27 -11.19
C GLY A 208 9.88 6.59 -10.51
N ILE A 209 10.83 7.53 -10.34
CA ILE A 209 10.58 8.74 -9.56
C ILE A 209 10.56 9.94 -10.51
N ASN A 210 9.40 10.60 -10.57
CA ASN A 210 9.11 11.83 -11.35
C ASN A 210 9.12 11.56 -12.85
N TYR A 211 7.95 11.25 -13.39
CA TYR A 211 7.85 10.87 -14.80
C TYR A 211 8.10 12.09 -15.68
N LEU A 212 8.98 11.93 -16.69
CA LEU A 212 9.33 13.04 -17.58
C LEU A 212 8.73 12.90 -18.97
N GLY A 213 8.17 11.74 -19.33
CA GLY A 213 7.56 11.58 -20.62
C GLY A 213 8.54 11.54 -21.79
N THR A 214 9.84 11.49 -21.52
CA THR A 214 10.83 11.50 -22.58
C THR A 214 12.03 10.70 -22.07
N ILE A 215 12.84 10.15 -22.99
CA ILE A 215 13.91 9.28 -22.51
C ILE A 215 15.07 10.09 -21.97
N LYS A 216 15.40 9.90 -20.71
CA LYS A 216 16.56 10.44 -20.02
C LYS A 216 17.73 9.46 -19.98
N GLU A 217 17.45 8.16 -19.80
CA GLU A 217 18.47 7.12 -19.68
C GLU A 217 18.07 6.00 -20.64
N ASN A 218 19.03 5.58 -21.48
CA ASN A 218 18.80 4.43 -22.33
C ASN A 218 19.06 3.16 -21.51
N ILE A 219 18.04 2.35 -21.31
CA ILE A 219 18.15 1.16 -20.49
C ILE A 219 17.88 -0.05 -21.36
N ASP A 220 18.73 -1.05 -21.26
CA ASP A 220 18.47 -2.35 -21.83
C ASP A 220 17.81 -3.16 -20.71
N GLY A 221 16.50 -3.45 -20.84
CA GLY A 221 15.76 -3.98 -19.68
C GLY A 221 16.17 -5.39 -19.28
N GLY A 222 16.45 -6.25 -20.26
CA GLY A 222 16.94 -7.60 -19.95
C GLY A 222 18.27 -7.57 -19.23
N ALA A 223 19.19 -6.72 -19.70
CA ALA A 223 20.48 -6.54 -19.02
C ALA A 223 20.29 -5.97 -17.62
N MET A 224 19.35 -5.04 -17.45
CA MET A 224 19.19 -4.42 -16.14
C MET A 224 18.62 -5.40 -15.14
N HIS A 225 17.72 -6.29 -15.58
CA HIS A 225 17.25 -7.32 -14.64
C HIS A 225 18.39 -8.26 -14.27
N ALA A 226 19.27 -8.61 -15.21
CA ALA A 226 20.46 -9.37 -14.85
C ALA A 226 21.29 -8.61 -13.79
N ASN A 227 21.39 -7.27 -13.92
CA ASN A 227 22.11 -6.49 -12.91
C ASN A 227 21.39 -6.47 -11.55
N TYR A 228 20.05 -6.43 -11.57
CA TYR A 228 19.30 -6.51 -10.31
C TYR A 228 19.56 -7.84 -9.60
N ILE A 229 19.55 -8.94 -10.35
CA ILE A 229 19.82 -10.22 -9.74
C ILE A 229 21.27 -10.30 -9.25
N PHE A 230 22.20 -9.74 -10.03
CA PHE A 230 23.61 -9.73 -9.62
C PHE A 230 23.77 -8.96 -8.31
N TRP A 231 23.07 -7.85 -8.19
CA TRP A 231 23.04 -7.06 -6.95
C TRP A 231 22.51 -7.88 -5.80
N ARG A 232 21.34 -8.54 -6.01
CA ARG A 232 20.80 -9.37 -4.94
C ARG A 232 21.77 -10.48 -4.57
N ASN A 233 22.47 -11.04 -5.58
CA ASN A 233 23.35 -12.16 -5.27
C ASN A 233 24.59 -11.70 -4.52
N SER A 234 24.89 -10.41 -4.57
CA SER A 234 26.13 -9.82 -4.06
C SER A 234 25.95 -9.10 -2.72
N THR A 235 24.72 -8.95 -2.25
CA THR A 235 24.44 -7.96 -1.22
C THR A 235 23.79 -8.62 -0.04
N PRO A 236 24.53 -8.83 1.06
CA PRO A 236 23.89 -9.33 2.28
C PRO A 236 22.77 -8.40 2.73
N MET A 237 21.60 -8.97 3.00
CA MET A 237 20.46 -8.21 3.51
C MET A 237 19.88 -9.05 4.64
N ASN A 238 19.97 -8.55 5.85
CA ASN A 238 19.44 -9.24 7.01
C ASN A 238 18.03 -8.78 7.28
N LEU A 239 17.15 -9.74 7.59
CA LEU A 239 15.77 -9.40 7.90
C LEU A 239 15.74 -8.44 9.08
N SER A 240 14.86 -7.45 9.01
CA SER A 240 14.81 -6.47 10.10
C SER A 240 13.56 -5.61 9.94
N THR A 241 12.97 -5.23 11.08
CA THR A 241 11.96 -4.18 11.11
C THR A 241 12.32 -3.04 12.08
N TYR A 242 13.60 -2.90 12.46
CA TYR A 242 14.02 -1.80 13.31
C TYR A 242 13.58 -0.41 12.81
N SER A 243 13.49 -0.22 11.48
CA SER A 243 13.09 1.09 10.96
C SER A 243 11.70 1.48 11.45
N LEU A 244 10.90 0.51 11.92
CA LEU A 244 9.55 0.80 12.36
C LEU A 244 9.47 1.08 13.84
N PHE A 245 10.63 1.07 14.54
CA PHE A 245 10.61 1.25 16.00
C PHE A 245 10.36 2.71 16.35
N ASP A 246 10.75 3.64 15.47
CA ASP A 246 10.47 5.07 15.62
C ASP A 246 9.66 5.56 14.42
N LEU A 247 8.37 5.77 14.64
CA LEU A 247 7.44 6.15 13.58
C LEU A 247 7.09 7.63 13.63
N SER A 248 7.87 8.43 14.36
CA SER A 248 7.44 9.80 14.61
C SER A 248 7.39 10.65 13.34
N LYS A 249 8.17 10.30 12.32
CA LYS A 249 8.20 11.06 11.08
C LYS A 249 7.67 10.23 9.89
N PHE A 250 6.75 9.31 10.16
CA PHE A 250 6.37 8.36 9.12
C PHE A 250 5.57 9.03 8.01
N GLN A 251 4.66 9.94 8.36
CA GLN A 251 3.71 10.44 7.37
C GLN A 251 4.42 11.16 6.23
N LEU A 252 3.85 11.02 5.05
CA LEU A 252 4.36 11.71 3.88
C LEU A 252 4.32 13.22 4.09
N LYS A 253 5.41 13.89 3.73
CA LYS A 253 5.48 15.34 3.92
C LYS A 253 4.41 16.03 3.08
N LEU A 254 3.80 17.06 3.66
CA LEU A 254 2.73 17.85 3.04
C LEU A 254 3.36 18.92 2.17
N LYS A 255 3.77 18.52 0.97
CA LYS A 255 4.61 19.39 0.17
C LYS A 255 3.81 20.46 -0.57
N GLY A 256 2.51 20.28 -0.71
CA GLY A 256 1.71 21.23 -1.49
C GLY A 256 2.18 21.37 -2.92
N THR A 257 2.56 20.26 -3.56
CA THR A 257 3.13 20.32 -4.91
C THR A 257 2.09 20.86 -5.89
N PRO A 258 2.43 21.87 -6.69
CA PRO A 258 1.44 22.41 -7.64
C PRO A 258 1.19 21.50 -8.83
N VAL A 259 -0.04 21.60 -9.34
CA VAL A 259 -0.49 20.88 -10.54
C VAL A 259 -0.78 21.91 -11.62
N LEU A 260 -0.08 21.81 -12.73
CA LEU A 260 -0.15 22.75 -13.84
C LEU A 260 -0.57 22.02 -15.11
N GLN A 261 -1.40 22.66 -15.94
CA GLN A 261 -1.65 22.18 -17.30
C GLN A 261 -0.73 22.93 -18.24
N LEU A 262 -0.03 22.19 -19.10
CA LEU A 262 0.92 22.75 -20.03
C LEU A 262 0.90 21.94 -21.31
N LYS A 263 1.02 22.61 -22.44
CA LYS A 263 1.21 21.92 -23.70
C LYS A 263 2.63 21.35 -23.79
N GLU A 264 2.76 20.26 -24.55
CA GLU A 264 4.06 19.62 -24.74
C GLU A 264 5.13 20.62 -25.16
N SER A 265 4.80 21.52 -26.07
CA SER A 265 5.78 22.46 -26.59
C SER A 265 6.25 23.48 -25.57
N GLN A 266 5.44 23.75 -24.52
CA GLN A 266 5.79 24.71 -23.48
C GLN A 266 6.72 24.11 -22.43
N ILE A 267 6.94 22.80 -22.44
CA ILE A 267 7.82 22.18 -21.48
C ILE A 267 9.26 22.51 -21.85
N ASN A 268 9.95 23.26 -21.00
CA ASN A 268 11.32 23.70 -21.23
C ASN A 268 12.22 23.18 -20.12
N GLU A 269 13.44 23.73 -20.08
CA GLU A 269 14.43 23.31 -19.09
C GLU A 269 13.95 23.55 -17.66
N LEU A 270 13.34 24.73 -17.41
CA LEU A 270 12.83 25.00 -16.07
C LEU A 270 11.77 23.96 -15.69
N VAL A 271 10.87 23.62 -16.61
CA VAL A 271 9.81 22.68 -16.26
C VAL A 271 10.39 21.30 -15.97
N ILE A 272 11.33 20.83 -16.82
CA ILE A 272 11.95 19.53 -16.56
C ILE A 272 12.65 19.52 -15.22
N SER A 273 13.36 20.61 -14.88
CA SER A 273 14.04 20.69 -13.60
C SER A 273 13.05 20.64 -12.44
N LEU A 274 11.93 21.37 -12.54
CA LEU A 274 10.93 21.32 -11.46
C LEU A 274 10.33 19.92 -11.35
N LEU A 275 9.98 19.31 -12.48
CA LEU A 275 9.45 17.94 -12.46
C LEU A 275 10.44 16.98 -11.77
N SER A 276 11.74 17.15 -12.02
CA SER A 276 12.78 16.24 -11.53
C SER A 276 13.10 16.41 -10.08
N GLN A 277 12.67 17.51 -9.47
CA GLN A 277 12.85 17.79 -8.06
C GLN A 277 11.63 17.49 -7.25
N GLY A 278 10.58 16.92 -7.85
CA GLY A 278 9.39 16.71 -7.07
C GLY A 278 8.62 17.98 -6.80
N LYS A 279 8.86 19.03 -7.58
CA LYS A 279 8.29 20.34 -7.29
C LYS A 279 7.12 20.69 -8.19
N LEU A 280 6.72 19.81 -9.10
CA LEU A 280 5.67 20.11 -10.05
C LEU A 280 5.02 18.82 -10.59
N LEU A 281 3.72 18.89 -10.84
CA LEU A 281 3.01 17.89 -11.62
C LEU A 281 2.38 18.57 -12.82
N ILE A 282 2.38 17.89 -13.97
CA ILE A 282 1.62 18.34 -15.13
C ILE A 282 0.58 17.28 -15.45
N ARG A 283 -0.69 17.69 -15.41
CA ARG A 283 -1.83 16.83 -15.74
C ARG A 283 -3.09 17.67 -15.65
N ASP A 284 -4.21 17.03 -15.93
CA ASP A 284 -5.51 17.64 -15.79
C ASP A 284 -5.78 17.90 -14.31
N ASN A 285 -6.62 18.89 -14.06
CA ASN A 285 -7.14 19.12 -12.72
C ASN A 285 -8.66 18.98 -12.69
N ASP A 286 -9.21 18.17 -13.60
CA ASP A 286 -10.62 17.80 -13.56
C ASP A 286 -10.91 17.01 -12.28
N THR A 287 -12.11 16.44 -12.24
CA THR A 287 -12.48 15.49 -11.20
C THR A 287 -12.16 14.09 -11.68
N LEU A 288 -11.48 13.32 -10.83
CA LEU A 288 -10.95 12.04 -11.26
C LEU A 288 -12.07 11.02 -11.39
N SER A 289 -12.03 10.23 -12.46
CA SER A 289 -13.05 9.22 -12.76
C SER A 289 -12.35 7.91 -13.09
N VAL A 290 -12.45 6.93 -12.19
CA VAL A 290 -11.78 5.65 -12.39
C VAL A 290 -12.78 4.56 -12.06
N SER A 291 -13.20 3.81 -13.09
CA SER A 291 -14.29 2.86 -12.97
C SER A 291 -13.88 1.53 -13.56
N THR A 292 -14.78 0.56 -13.38
CA THR A 292 -14.67 -0.74 -14.01
C THR A 292 -15.20 -0.62 -15.44
N ASP A 293 -14.47 -1.17 -16.41
CA ASP A 293 -15.01 -1.22 -17.76
C ASP A 293 -15.58 -2.61 -18.12
N GLU B 6 -8.60 -20.15 11.09
CA GLU B 6 -8.79 -18.70 11.13
C GLU B 6 -9.76 -18.25 10.05
N PHE B 7 -9.37 -18.43 8.79
CA PHE B 7 -10.26 -18.11 7.67
C PHE B 7 -11.55 -18.93 7.75
N ALA B 8 -11.44 -20.22 8.07
CA ALA B 8 -12.65 -21.04 8.22
C ALA B 8 -13.52 -20.52 9.36
N SER B 9 -12.88 -20.04 10.43
CA SER B 9 -13.61 -19.56 11.60
C SER B 9 -14.25 -18.20 11.33
N ASN B 10 -13.48 -17.28 10.75
CA ASN B 10 -14.05 -16.02 10.30
C ASN B 10 -15.21 -16.27 9.34
N SER B 11 -14.99 -17.13 8.34
CA SER B 11 -16.07 -17.44 7.40
C SER B 11 -17.32 -17.91 8.14
N SER B 12 -17.15 -18.56 9.29
CA SER B 12 -18.31 -19.10 10.01
C SER B 12 -19.13 -17.98 10.63
N VAL B 13 -18.52 -17.13 11.46
CA VAL B 13 -19.30 -16.06 12.11
C VAL B 13 -19.78 -15.04 11.07
N LEU B 14 -19.01 -14.80 10.03
CA LEU B 14 -19.46 -13.88 8.98
C LEU B 14 -20.63 -14.48 8.22
N SER B 15 -20.64 -15.80 8.05
CA SER B 15 -21.79 -16.44 7.46
C SER B 15 -22.99 -16.32 8.38
N LEU B 16 -22.77 -16.52 9.68
CA LEU B 16 -23.87 -16.52 10.62
C LEU B 16 -24.64 -15.20 10.61
N VAL B 17 -23.93 -14.08 10.54
CA VAL B 17 -24.61 -12.78 10.62
C VAL B 17 -25.32 -12.42 9.32
N ASN B 18 -25.27 -13.32 8.34
CA ASN B 18 -26.14 -13.23 7.16
C ASN B 18 -27.48 -13.95 7.35
N PHE B 19 -27.67 -14.63 8.47
CA PHE B 19 -28.89 -15.39 8.71
C PHE B 19 -29.80 -14.71 9.74
N THR B 20 -29.65 -13.39 9.91
CA THR B 20 -30.25 -12.65 11.01
C THR B 20 -30.75 -11.30 10.55
N VAL B 21 -31.77 -10.79 11.29
CA VAL B 21 -32.27 -9.44 11.06
C VAL B 21 -31.50 -8.37 11.84
N ASP B 22 -30.71 -8.76 12.86
CA ASP B 22 -29.94 -7.82 13.68
C ASP B 22 -28.49 -8.32 13.77
N PRO B 23 -27.68 -8.05 12.74
CA PRO B 23 -26.28 -8.55 12.73
C PRO B 23 -25.46 -8.14 13.95
N GLN B 24 -25.65 -6.91 14.44
CA GLN B 24 -24.96 -6.48 15.66
C GLN B 24 -25.27 -7.42 16.82
N LYS B 25 -26.55 -7.66 17.08
CA LYS B 25 -26.90 -8.53 18.19
C LYS B 25 -26.43 -9.95 17.92
N ALA B 26 -26.52 -10.39 16.67
CA ALA B 26 -26.09 -11.74 16.33
C ALA B 26 -24.62 -11.93 16.64
N TYR B 27 -23.79 -10.94 16.28
CA TYR B 27 -22.37 -11.04 16.57
C TYR B 27 -22.13 -11.03 18.07
N LEU B 28 -22.69 -10.04 18.77
CA LEU B 28 -22.46 -9.92 20.20
C LEU B 28 -22.97 -11.16 20.96
N ASP B 29 -24.14 -11.68 20.57
CA ASP B 29 -24.64 -12.90 21.23
C ASP B 29 -23.71 -14.07 20.97
N PHE B 30 -23.19 -14.16 19.72
CA PHE B 30 -22.26 -15.22 19.37
C PHE B 30 -21.00 -15.16 20.22
N VAL B 31 -20.34 -13.98 20.28
CA VAL B 31 -19.09 -13.94 21.05
C VAL B 31 -19.38 -13.98 22.54
N ASN B 32 -20.55 -13.50 22.99
CA ASN B 32 -20.83 -13.56 24.42
C ASN B 32 -21.04 -15.00 24.87
N ALA B 33 -21.49 -15.85 23.96
CA ALA B 33 -21.72 -17.25 24.28
C ALA B 33 -20.45 -18.07 24.14
N GLY B 34 -19.33 -17.42 23.84
CA GLY B 34 -18.04 -18.08 23.71
C GLY B 34 -17.60 -18.35 22.29
N GLY B 35 -18.26 -17.78 21.28
CA GLY B 35 -17.83 -17.98 19.92
C GLY B 35 -16.54 -17.24 19.63
N ALA B 36 -15.80 -17.73 18.64
CA ALA B 36 -14.52 -17.10 18.33
C ALA B 36 -14.75 -15.72 17.72
N PRO B 37 -14.17 -14.66 18.28
CA PRO B 37 -14.28 -13.34 17.65
C PRO B 37 -13.69 -13.38 16.25
N LEU B 38 -14.13 -12.42 15.45
CA LEU B 38 -13.53 -12.23 14.13
C LEU B 38 -12.05 -11.84 14.26
N THR B 39 -11.21 -12.52 13.49
CA THR B 39 -9.79 -12.20 13.47
C THR B 39 -9.44 -11.47 12.17
N ASN B 40 -8.13 -11.30 11.94
CA ASN B 40 -7.65 -10.71 10.70
C ASN B 40 -8.05 -9.24 10.60
N CYS B 41 -8.37 -8.59 11.73
CA CYS B 41 -8.44 -7.13 11.71
C CYS B 41 -7.08 -6.53 11.44
N VAL B 42 -7.09 -5.34 10.83
CA VAL B 42 -5.87 -4.70 10.30
C VAL B 42 -5.33 -3.79 11.39
N LYS B 43 -4.44 -4.35 12.21
CA LYS B 43 -3.77 -3.59 13.27
C LYS B 43 -2.61 -2.79 12.70
N MET B 44 -2.55 -1.51 13.02
CA MET B 44 -1.49 -0.64 12.50
C MET B 44 -0.35 -0.56 13.52
N LEU B 45 0.83 -0.18 13.05
CA LEU B 45 1.95 0.23 13.92
C LEU B 45 1.96 1.75 14.02
N THR B 46 2.00 2.29 15.23
CA THR B 46 1.79 3.73 15.36
C THR B 46 2.65 4.24 16.50
N PRO B 47 2.99 5.53 16.49
CA PRO B 47 3.67 6.11 17.65
C PRO B 47 2.57 6.37 18.66
N LYS B 48 2.62 5.68 19.76
CA LYS B 48 1.46 5.75 20.62
C LYS B 48 1.41 7.12 21.31
N THR B 49 1.32 8.19 20.49
CA THR B 49 1.34 9.57 20.94
C THR B 49 0.13 10.36 20.46
N GLY B 50 -0.99 9.69 20.13
CA GLY B 50 -2.14 10.35 19.56
C GLY B 50 -3.12 10.88 20.61
N THR B 51 -4.20 11.47 20.12
CA THR B 51 -5.15 12.11 21.03
C THR B 51 -5.96 11.08 21.77
N GLY B 52 -6.15 9.88 21.21
CA GLY B 52 -6.95 8.86 21.86
C GLY B 52 -8.42 8.85 21.53
N ILE B 53 -8.89 9.69 20.60
CA ILE B 53 -10.30 9.66 20.18
C ILE B 53 -10.63 8.33 19.50
N ALA B 54 -11.93 8.05 19.40
CA ALA B 54 -12.43 6.78 18.88
C ALA B 54 -12.09 6.57 17.41
N ILE B 55 -12.51 7.50 16.55
CA ILE B 55 -12.44 7.37 15.10
C ILE B 55 -11.69 8.58 14.55
N SER B 56 -10.69 8.34 13.69
CA SER B 56 -9.79 9.43 13.35
C SER B 56 -9.24 9.24 11.95
N VAL B 57 -8.94 10.37 11.28
CA VAL B 57 -8.48 10.27 9.90
C VAL B 57 -7.05 9.75 9.81
N LYS B 58 -6.27 9.89 10.87
CA LYS B 58 -4.97 9.27 11.01
C LYS B 58 -4.97 8.51 12.33
N PRO B 59 -4.03 7.58 12.52
CA PRO B 59 -4.00 6.85 13.80
C PRO B 59 -3.81 7.79 14.97
N GLU B 60 -4.61 7.60 16.03
CA GLU B 60 -4.57 8.46 17.20
C GLU B 60 -4.45 7.65 18.49
N SER B 61 -3.84 6.48 18.41
CA SER B 61 -3.74 5.64 19.58
C SER B 61 -2.81 6.27 20.62
N THR B 62 -3.26 6.27 21.89
CA THR B 62 -2.45 6.52 23.08
C THR B 62 -1.68 5.27 23.45
N ALA B 63 -0.81 5.40 24.44
CA ALA B 63 -0.11 4.25 25.01
C ALA B 63 -1.07 3.16 25.48
N ASP B 64 -2.34 3.49 25.75
CA ASP B 64 -3.28 2.47 26.22
C ASP B 64 -4.20 1.95 25.12
N GLN B 65 -3.86 2.17 23.85
CA GLN B 65 -4.75 1.78 22.77
C GLN B 65 -3.95 1.16 21.64
N GLU B 66 -4.67 0.47 20.75
CA GLU B 66 -4.19 0.08 19.44
C GLU B 66 -5.11 0.69 18.38
N THR B 67 -4.56 0.96 17.21
CA THR B 67 -5.28 1.55 16.09
C THR B 67 -5.49 0.46 15.06
N TYR B 68 -6.70 0.36 14.49
CA TYR B 68 -6.98 -0.54 13.39
C TYR B 68 -7.43 0.23 12.16
N GLY B 69 -7.15 -0.33 10.98
CA GLY B 69 -7.83 0.15 9.79
C GLY B 69 -9.34 -0.07 9.97
N GLY B 70 -10.13 0.96 9.65
CA GLY B 70 -11.54 0.95 10.08
C GLY B 70 -12.42 -0.06 9.37
N ALA B 71 -12.27 -0.19 8.04
CA ALA B 71 -13.09 -1.20 7.34
C ALA B 71 -12.94 -2.57 7.97
N SER B 72 -11.72 -2.90 8.44
CA SER B 72 -11.47 -4.25 8.92
C SER B 72 -12.11 -4.52 10.27
N VAL B 73 -12.49 -3.50 11.02
CA VAL B 73 -13.20 -3.76 12.28
C VAL B 73 -14.67 -3.44 12.18
N CYS B 74 -15.16 -3.13 10.98
CA CYS B 74 -16.60 -2.93 10.75
C CYS B 74 -17.25 -4.23 10.35
N LEU B 75 -18.21 -4.70 11.17
CA LEU B 75 -18.93 -5.94 10.87
C LEU B 75 -19.58 -5.88 9.51
N TYR B 76 -20.17 -4.74 9.16
CA TYR B 76 -20.95 -4.65 7.92
C TYR B 76 -20.03 -4.70 6.71
N CYS B 77 -18.88 -4.02 6.78
CA CYS B 77 -17.88 -4.16 5.71
C CYS B 77 -17.39 -5.59 5.60
N ARG B 78 -17.01 -6.19 6.74
CA ARG B 78 -16.38 -7.50 6.73
C ARG B 78 -17.34 -8.57 6.24
N ALA B 79 -18.62 -8.44 6.58
CA ALA B 79 -19.63 -9.42 6.21
C ALA B 79 -20.28 -9.09 4.88
N HIS B 80 -19.93 -7.95 4.29
CA HIS B 80 -20.48 -7.50 3.00
C HIS B 80 -22.00 -7.42 3.03
N ILE B 81 -22.52 -6.80 4.09
CA ILE B 81 -23.96 -6.59 4.26
C ILE B 81 -24.22 -5.10 4.38
N GLU B 82 -25.50 -4.76 4.38
CA GLU B 82 -25.90 -3.36 4.39
C GLU B 82 -25.55 -2.68 5.72
N HIS B 83 -25.06 -1.50 5.61
CA HIS B 83 -24.73 -0.65 6.74
C HIS B 83 -26.01 -0.09 7.35
N PRO B 84 -26.09 0.04 8.69
CA PRO B 84 -27.33 0.52 9.30
C PRO B 84 -27.46 2.04 9.30
N ASP B 85 -26.38 2.77 9.09
CA ASP B 85 -26.43 4.23 9.09
C ASP B 85 -27.46 4.73 8.06
N VAL B 86 -28.25 5.72 8.47
CA VAL B 86 -29.28 6.27 7.59
C VAL B 86 -28.66 6.90 6.35
N SER B 87 -27.47 7.50 6.49
CA SER B 87 -26.82 8.07 5.31
C SER B 87 -26.28 7.00 4.36
N GLY B 88 -26.28 5.73 4.76
CA GLY B 88 -25.64 4.69 3.99
C GLY B 88 -24.13 4.61 4.09
N VAL B 89 -23.45 5.68 4.52
CA VAL B 89 -21.99 5.69 4.58
C VAL B 89 -21.53 5.06 5.89
N CYS B 90 -20.57 4.15 5.78
CA CYS B 90 -19.93 3.53 6.93
C CYS B 90 -19.18 4.58 7.76
N LYS B 91 -19.23 4.44 9.08
CA LYS B 91 -18.52 5.40 9.94
C LYS B 91 -17.04 5.09 10.06
N TYR B 92 -16.59 3.87 9.75
CA TYR B 92 -15.18 3.53 9.95
C TYR B 92 -14.37 3.48 8.67
N LYS B 93 -14.98 3.09 7.57
CA LYS B 93 -14.21 2.74 6.38
C LYS B 93 -13.45 3.97 5.90
N GLY B 94 -12.17 3.77 5.58
CA GLY B 94 -11.28 4.86 5.18
C GLY B 94 -10.71 5.63 6.33
N LYS B 95 -11.10 5.32 7.56
CA LYS B 95 -10.61 6.00 8.74
C LYS B 95 -9.88 4.98 9.62
N PHE B 96 -9.48 5.44 10.79
CA PHE B 96 -8.81 4.57 11.75
C PHE B 96 -9.64 4.54 13.02
N VAL B 97 -9.62 3.38 13.68
CA VAL B 97 -10.42 3.18 14.90
C VAL B 97 -9.49 2.80 16.04
N GLN B 98 -9.55 3.56 17.11
CA GLN B 98 -8.77 3.24 18.30
C GLN B 98 -9.54 2.28 19.20
N ILE B 99 -8.84 1.26 19.70
CA ILE B 99 -9.40 0.24 20.55
C ILE B 99 -8.58 0.24 21.85
N PRO B 100 -9.20 0.28 23.02
CA PRO B 100 -8.42 0.10 24.26
C PRO B 100 -7.64 -1.20 24.20
N ALA B 101 -6.40 -1.16 24.73
CA ALA B 101 -5.52 -2.32 24.59
C ALA B 101 -6.06 -3.56 25.28
N GLN B 102 -6.90 -3.38 26.31
CA GLN B 102 -7.48 -4.54 26.98
C GLN B 102 -8.58 -5.20 26.16
N CYS B 103 -8.99 -4.61 25.04
CA CYS B 103 -10.09 -5.13 24.25
C CYS B 103 -9.64 -5.61 22.88
N VAL B 104 -8.34 -5.79 22.67
CA VAL B 104 -7.86 -6.18 21.36
C VAL B 104 -8.17 -7.63 21.01
N ARG B 105 -8.65 -8.44 21.96
CA ARG B 105 -9.08 -9.79 21.61
C ARG B 105 -10.27 -9.78 20.65
N ASP B 106 -11.10 -8.74 20.67
CA ASP B 106 -12.29 -8.67 19.84
C ASP B 106 -12.58 -7.21 19.47
N PRO B 107 -11.79 -6.64 18.55
CA PRO B 107 -12.06 -5.28 18.06
C PRO B 107 -13.45 -5.08 17.48
N VAL B 108 -13.96 -6.03 16.69
CA VAL B 108 -15.28 -5.87 16.11
C VAL B 108 -16.33 -5.84 17.22
N GLY B 109 -16.23 -6.75 18.19
CA GLY B 109 -17.20 -6.76 19.26
C GLY B 109 -17.14 -5.49 20.08
N PHE B 110 -15.92 -4.98 20.31
CA PHE B 110 -15.80 -3.72 21.03
C PHE B 110 -16.55 -2.62 20.30
N CYS B 111 -16.34 -2.54 18.98
CA CYS B 111 -16.96 -1.49 18.19
C CYS B 111 -18.48 -1.60 18.21
N LEU B 112 -19.02 -2.84 18.14
CA LEU B 112 -20.47 -3.03 18.17
C LEU B 112 -21.07 -2.74 19.54
N SER B 113 -20.25 -2.73 20.58
CA SER B 113 -20.72 -2.60 21.96
C SER B 113 -20.58 -1.20 22.52
N ASN B 114 -20.01 -0.27 21.78
CA ASN B 114 -19.68 1.04 22.32
C ASN B 114 -19.98 2.12 21.30
N THR B 115 -19.88 3.37 21.75
CA THR B 115 -20.36 4.49 20.98
C THR B 115 -19.44 5.67 21.28
N PRO B 116 -18.87 6.30 20.25
CA PRO B 116 -18.17 7.57 20.47
C PRO B 116 -19.13 8.59 21.06
N CYS B 117 -18.62 9.35 22.02
CA CYS B 117 -19.37 10.47 22.57
C CYS B 117 -19.66 11.49 21.48
N ASN B 118 -20.92 11.86 21.34
CA ASN B 118 -21.28 12.85 20.34
C ASN B 118 -20.68 14.21 20.62
N VAL B 119 -20.33 14.52 21.87
CA VAL B 119 -19.73 15.82 22.13
C VAL B 119 -18.20 15.79 22.00
N CYS B 120 -17.51 14.82 22.59
CA CYS B 120 -16.04 14.86 22.55
C CYS B 120 -15.39 13.84 21.61
N GLN B 121 -16.17 12.94 21.01
CA GLN B 121 -15.72 11.93 20.04
C GLN B 121 -14.76 10.90 20.64
N TYR B 122 -14.57 10.92 21.96
CA TYR B 122 -13.94 9.82 22.66
C TYR B 122 -14.98 8.75 22.97
N TRP B 123 -14.53 7.51 23.06
CA TRP B 123 -15.41 6.41 23.44
C TRP B 123 -16.00 6.67 24.82
N ILE B 124 -17.32 6.61 24.91
CA ILE B 124 -17.98 6.67 26.21
C ILE B 124 -17.53 5.47 27.04
N GLY B 125 -17.03 5.75 28.25
CA GLY B 125 -16.48 4.73 29.12
C GLY B 125 -15.02 4.40 28.87
N TYR B 126 -14.44 4.86 27.77
CA TYR B 126 -13.05 4.56 27.48
C TYR B 126 -12.34 5.80 26.96
N GLY B 127 -12.55 6.92 27.66
CA GLY B 127 -11.93 8.16 27.23
C GLY B 127 -12.83 9.36 27.43
N CYS B 128 -14.13 9.22 27.18
CA CYS B 128 -15.02 10.36 27.28
C CYS B 128 -15.15 10.77 28.74
N ASN B 129 -14.88 12.04 29.00
CA ASN B 129 -14.81 12.59 30.35
C ASN B 129 -15.81 13.71 30.54
N CYS B 130 -16.90 13.68 29.80
CA CYS B 130 -17.92 14.70 29.90
C CYS B 130 -18.82 14.47 31.10
N2 GTA C . 16.68 -22.07 -3.58
O6 GTA C . 16.99 -17.47 -3.42
C6 GTA C . 16.41 -18.46 -3.92
C5 GTA C . 15.40 -18.40 -4.84
N7 GTA C . 14.72 -17.40 -5.45
C7 GTA C . 14.95 -15.94 -5.29
C8 GTA C . 13.78 -17.92 -6.27
N9 GTA C . 13.88 -19.24 -6.17
C4 GTA C . 14.84 -19.56 -5.30
N3 GTA C . 15.25 -20.78 -4.89
C2 GTA C . 16.25 -20.87 -4.00
N1 GTA C . 16.86 -19.72 -3.49
O3A GTA C . 9.56 -20.39 -6.25
C1A GTA C . 13.12 -20.34 -6.87
C2A GTA C . 11.91 -20.89 -6.09
C3A GTA C . 10.89 -19.86 -6.46
C4A GTA C . 11.18 -19.71 -7.95
C5A GTA C . 10.49 -18.43 -8.54
O4A GTA C . 12.62 -19.65 -8.05
O2A GTA C . 11.54 -22.17 -6.65
P1 GTA C . 10.08 -15.97 -7.68
O11 GTA C . 10.23 -15.03 -8.87
O12 GTA C . 8.68 -16.28 -7.26
O13 GTA C . 10.86 -15.23 -6.50
O15 GTA C . 10.99 -17.24 -7.87
P2 GTA C . 10.77 -15.56 -4.90
O22 GTA C . 11.83 -14.78 -4.30
O21 GTA C . 10.70 -17.03 -4.72
O23 GTA C . 9.37 -14.86 -4.59
P3 GTA C . 8.48 -15.03 -3.17
O32 GTA C . 7.98 -16.38 -2.92
O31 GTA C . 9.24 -14.41 -2.02
O33 GTA C . 7.28 -14.11 -3.51
C5B GTA C . 7.41 -12.67 -3.54
C4B GTA C . 6.02 -12.04 -3.44
O4B GTA C . 5.25 -12.52 -4.56
C3B GTA C . 5.27 -12.62 -2.26
O3B GTA C . 5.62 -11.84 -1.11
C2B GTA C . 3.86 -12.28 -2.62
O2B GTA C . 3.74 -10.86 -2.58
C1B GTA C . 3.86 -12.70 -4.06
N9C GTA C . 3.55 -14.11 -4.22
C8C GTA C . 4.28 -15.24 -4.13
N7C GTA C . 3.46 -16.26 -4.40
C5C GTA C . 2.24 -15.78 -4.67
C6C GTA C . 1.09 -16.37 -5.00
N6C GTA C . 1.11 -17.71 -5.08
N1C GTA C . -0.03 -15.68 -5.21
C2C GTA C . 0.01 -14.27 -5.10
N3C GTA C . 1.23 -13.67 -4.75
C4C GTA C . 2.31 -14.44 -4.55
ZN ZN D . -18.39 -0.56 7.27
ZN ZN E . -17.59 13.17 25.78
#